data_1A4W
#
_entry.id   1A4W
#
_cell.length_a   71.470
_cell.length_b   72.000
_cell.length_c   73.390
_cell.angle_alpha   90.00
_cell.angle_beta   101.13
_cell.angle_gamma   90.00
#
_symmetry.space_group_name_H-M   'C 1 2 1'
#
loop_
_entity.id
_entity.type
_entity.pdbx_description
1 polymer 'ALPHA-THROMBIN (SMALL SUBUNIT)'
2 polymer 'ALPHA-THROMBIN (LARGE SUBUNIT)'
3 polymer HIRUGEN
4 non-polymer 'SODIUM ION'
5 non-polymer 'amino{[(4S)-4-({[5-(dimethylamino)naphthalen-1-yl]sulfonyl}amino)-5-oxo-5-{(2R)-2-[3-oxo-3-(1,3-thiazol-2-yl)propyl]pip eridin-1-yl}pentyl]amino}methaniminium'
6 water water
#
loop_
_entity_poly.entity_id
_entity_poly.type
_entity_poly.pdbx_seq_one_letter_code
_entity_poly.pdbx_strand_id
1 'polypeptide(L)' TFGSGEADCGLRPLFEKKSLEDKTERELLESYIDGR L
2 'polypeptide(L)'
;IVEGSDAEIGMSPWQVMLFRKSPQELLCGASLISDRWVLTAAHCLLYPPWDKNFTENDLLVRIGKHSRTRYERNIEKISM
LEKIYIHPRYNWRENLDRDIALMKLKKPVAFSDYIHPVCLPDRETAASLLQAGYKGRVTGWGNLKETWTANVGKGQPSVL
QVVNLPIVERPVCKDSTRIRITDNMFCAGYKPDEGKRGDACEGDSGGPFVMKSPFNNRWYQMGIVSWGEGCDRDGKYGFY
THVFRLKKWIQKVIDQFGE
;
H
3 'polypeptide(L)' NGDFEEIPEE(TYS)L I
#
loop_
_chem_comp.id
_chem_comp.type
_chem_comp.name
_chem_comp.formula
NA non-polymer 'SODIUM ION' 'Na 1'
QWE peptide-like 'amino{[(4S)-4-({[5-(dimethylamino)naphthalen-1-yl]sulfonyl}amino)-5-oxo-5-{(2R)-2-[3-oxo-3-(1,3-thiazol-2-yl)propyl]pip eridin-1-yl}pentyl]amino}methaniminium' 'C29 H40 N7 O4 S2 1'
#
# COMPACT_ATOMS: atom_id res chain seq x y z
N ASP A 8 -15.65 11.99 -3.71
CA ASP A 8 -14.30 12.63 -3.67
C ASP A 8 -13.00 11.80 -3.67
N CYS A 9 -13.17 10.50 -3.39
CA CYS A 9 -11.98 9.62 -3.29
C CYS A 9 -11.24 9.54 -4.59
N GLY A 10 -9.94 9.33 -4.48
CA GLY A 10 -9.10 9.04 -5.65
C GLY A 10 -8.86 10.15 -6.63
N LEU A 11 -9.25 11.39 -6.32
CA LEU A 11 -8.95 12.54 -7.22
C LEU A 11 -7.91 13.43 -6.48
N ARG A 12 -6.70 13.51 -7.02
CA ARG A 12 -5.66 14.18 -6.18
C ARG A 12 -5.76 15.71 -6.40
N PRO A 13 -5.61 16.44 -5.30
CA PRO A 13 -5.67 17.93 -5.34
C PRO A 13 -4.63 18.54 -6.23
N LEU A 14 -3.46 17.90 -6.30
CA LEU A 14 -2.37 18.47 -7.10
C LEU A 14 -2.35 17.90 -8.48
N PHE A 15 -3.21 16.95 -8.80
CA PHE A 15 -3.09 16.42 -10.19
C PHE A 15 -4.48 16.45 -10.87
N GLU A 16 -5.34 15.46 -10.56
CA GLU A 16 -6.62 15.37 -11.23
C GLU A 16 -7.47 16.64 -11.04
N LYS A 17 -7.37 17.12 -9.84
CA LYS A 17 -8.17 18.32 -9.51
C LYS A 17 -7.67 19.53 -10.28
N LYS A 18 -6.51 19.52 -10.90
CA LYS A 18 -5.95 20.68 -11.61
C LYS A 18 -5.71 20.32 -13.04
N SER A 19 -6.16 19.10 -13.34
CA SER A 19 -5.91 18.50 -14.63
C SER A 19 -4.40 18.46 -14.87
N LEU A 20 -3.56 18.10 -13.91
CA LEU A 20 -2.15 17.88 -14.27
C LEU A 20 -1.92 16.36 -14.18
N GLU A 21 -1.04 15.87 -15.01
CA GLU A 21 -0.72 14.41 -14.91
C GLU A 21 0.57 14.20 -14.17
N ASP A 22 0.74 13.12 -13.46
CA ASP A 22 2.08 12.76 -12.88
C ASP A 22 2.91 12.20 -14.04
N LYS A 23 4.19 12.10 -13.79
CA LYS A 23 5.19 11.77 -14.77
C LYS A 23 5.11 10.36 -15.33
N THR A 24 4.43 9.45 -14.63
CA THR A 24 4.31 8.09 -15.21
C THR A 24 2.90 7.58 -15.32
N GLU A 25 1.86 8.26 -14.93
CA GLU A 25 0.52 7.63 -15.04
C GLU A 25 0.14 7.24 -16.46
N ARG A 26 0.64 7.85 -17.52
CA ARG A 26 0.41 7.48 -18.90
C ARG A 26 0.76 5.98 -19.14
N GLU A 27 1.86 5.60 -18.51
CA GLU A 27 2.33 4.19 -18.60
C GLU A 27 1.23 3.28 -18.11
N LEU A 28 0.51 3.61 -17.05
CA LEU A 28 -0.59 2.75 -16.60
C LEU A 28 -1.70 2.70 -17.67
N LEU A 29 -2.17 3.90 -18.00
CA LEU A 29 -3.26 3.98 -19.00
C LEU A 29 -2.94 3.25 -20.27
N GLU A 30 -1.72 3.35 -20.72
CA GLU A 30 -1.40 2.70 -21.98
C GLU A 30 -1.44 1.18 -21.81
N SER A 31 -1.45 0.64 -20.64
CA SER A 31 -1.43 -0.84 -20.52
C SER A 31 -2.85 -1.44 -20.52
N TYR A 32 -3.82 -0.59 -20.30
CA TYR A 32 -5.23 -0.90 -20.11
C TYR A 32 -5.88 -1.00 -21.48
N ILE A 33 -5.73 -2.12 -22.14
CA ILE A 33 -6.35 -2.31 -23.48
C ILE A 33 -5.13 -2.19 -24.45
N ILE B 1 11.01 -0.10 -1.94
CA ILE B 1 10.76 -0.25 -3.38
C ILE B 1 12.10 -0.45 -4.06
N VAL B 2 12.25 -1.46 -4.90
CA VAL B 2 13.42 -1.81 -5.72
C VAL B 2 13.19 -1.41 -7.16
N GLU B 3 14.14 -0.61 -7.67
CA GLU B 3 14.14 -0.07 -9.03
C GLU B 3 13.01 0.91 -9.31
N GLY B 4 12.64 1.63 -8.29
CA GLY B 4 11.57 2.63 -8.35
C GLY B 4 12.24 4.00 -8.59
N SER B 5 11.41 5.03 -8.34
CA SER B 5 11.92 6.42 -8.57
C SER B 5 11.15 7.24 -7.56
N ASP B 6 11.79 8.39 -7.29
CA ASP B 6 11.26 9.34 -6.30
C ASP B 6 9.86 9.79 -6.75
N ALA B 7 8.96 9.74 -5.80
CA ALA B 7 7.60 10.22 -6.11
C ALA B 7 7.65 11.76 -6.21
N GLU B 8 6.69 12.28 -6.96
CA GLU B 8 6.42 13.72 -7.04
C GLU B 8 5.65 14.13 -5.81
N ILE B 9 5.70 15.41 -5.47
CA ILE B 9 4.96 15.86 -4.26
C ILE B 9 3.46 15.66 -4.58
N GLY B 10 2.71 15.22 -3.61
CA GLY B 10 1.29 14.92 -3.66
C GLY B 10 0.92 13.82 -4.65
N MET B 11 1.84 13.00 -5.13
CA MET B 11 1.47 11.97 -6.13
C MET B 11 0.65 10.83 -5.47
N SER B 12 0.84 10.60 -4.21
CA SER B 12 0.16 9.49 -3.49
C SER B 12 -0.30 9.90 -2.15
N PRO B 13 -1.39 10.71 -2.14
CA PRO B 13 -1.83 11.41 -0.94
C PRO B 13 -2.53 10.57 0.09
N TRP B 14 -2.83 9.34 -0.35
CA TRP B 14 -3.42 8.39 0.65
C TRP B 14 -2.33 7.54 1.27
N GLN B 15 -1.08 7.75 0.93
CA GLN B 15 0.04 6.99 1.52
C GLN B 15 0.20 7.31 2.98
N VAL B 16 0.23 6.25 3.79
CA VAL B 16 0.35 6.39 5.21
C VAL B 16 1.65 5.76 5.70
N MET B 17 2.20 6.24 6.82
CA MET B 17 3.43 5.57 7.31
C MET B 17 3.05 5.06 8.70
N LEU B 18 3.26 3.77 8.94
CA LEU B 18 3.12 3.13 10.24
C LEU B 18 4.49 3.29 10.94
N PHE B 19 4.42 3.92 12.07
CA PHE B 19 5.66 4.38 12.77
C PHE B 19 5.65 3.93 14.22
N ARG B 20 6.70 3.19 14.55
CA ARG B 20 6.82 2.69 15.95
C ARG B 20 7.20 3.81 16.90
N LYS B 21 6.60 3.84 18.08
CA LYS B 21 6.87 4.90 19.07
C LYS B 21 8.26 4.74 19.69
N SER B 22 8.66 3.52 20.00
CA SER B 22 9.94 3.32 20.68
C SER B 22 10.38 1.87 20.57
N PRO B 23 11.49 1.59 19.94
CA PRO B 23 12.36 2.55 19.26
C PRO B 23 11.57 3.24 18.16
N GLN B 24 12.03 4.37 17.71
CA GLN B 24 11.36 5.09 16.61
C GLN B 24 11.76 4.37 15.35
N GLU B 25 10.80 4.02 14.51
CA GLU B 25 11.23 3.30 13.27
C GLU B 25 9.98 3.12 12.37
N LEU B 26 10.26 3.03 11.08
CA LEU B 26 9.15 2.85 10.15
C LEU B 26 8.71 1.38 10.31
N LEU B 27 7.44 1.15 10.61
CA LEU B 27 6.91 -0.23 10.72
C LEU B 27 6.44 -0.77 9.37
N CYS B 28 5.75 0.01 8.57
CA CYS B 28 5.13 -0.48 7.31
C CYS B 28 4.48 0.75 6.65
N GLY B 29 3.99 0.48 5.44
CA GLY B 29 3.13 1.45 4.71
C GLY B 29 1.69 1.14 5.16
N ALA B 30 0.81 1.94 4.61
CA ALA B 30 -0.65 1.80 4.84
C ALA B 30 -1.34 2.74 3.86
N SER B 31 -2.65 2.84 3.96
CA SER B 31 -3.42 3.73 3.09
C SER B 31 -4.65 4.34 3.74
N LEU B 32 -4.98 5.57 3.31
CA LEU B 32 -6.07 6.34 3.92
C LEU B 32 -7.29 6.15 3.03
N ILE B 33 -8.34 5.49 3.55
CA ILE B 33 -9.54 5.29 2.69
C ILE B 33 -10.70 6.19 3.17
N SER B 34 -10.54 6.85 4.31
CA SER B 34 -11.54 7.84 4.76
C SER B 34 -10.83 8.78 5.74
N ASP B 35 -11.59 9.72 6.36
CA ASP B 35 -10.91 10.62 7.31
C ASP B 35 -10.55 10.01 8.64
N ARG B 36 -11.10 8.83 8.90
CA ARG B 36 -10.93 8.08 10.14
C ARG B 36 -10.42 6.64 10.00
N TRP B 37 -10.26 6.12 8.81
CA TRP B 37 -9.87 4.70 8.60
C TRP B 37 -8.62 4.56 7.75
N VAL B 38 -7.76 3.62 8.22
CA VAL B 38 -6.50 3.30 7.56
C VAL B 38 -6.40 1.82 7.18
N LEU B 39 -6.03 1.49 5.96
CA LEU B 39 -5.96 0.06 5.55
C LEU B 39 -4.50 -0.37 5.51
N THR B 40 -4.21 -1.58 5.96
CA THR B 40 -2.83 -2.08 5.90
C THR B 40 -2.88 -3.62 5.90
N ALA B 41 -1.74 -4.20 5.90
CA ALA B 41 -1.54 -5.68 5.94
C ALA B 41 -1.50 -6.14 7.34
N ALA B 42 -2.31 -7.21 7.60
CA ALA B 42 -2.29 -7.76 8.99
C ALA B 42 -0.90 -8.12 9.47
N HIS B 43 -0.04 -8.60 8.59
CA HIS B 43 1.30 -9.03 9.03
C HIS B 43 2.19 -7.88 9.53
N CYS B 44 1.74 -6.66 9.31
CA CYS B 44 2.43 -5.44 9.82
C CYS B 44 2.23 -5.33 11.31
N LEU B 45 1.07 -5.88 11.72
CA LEU B 45 0.68 -5.89 13.11
C LEU B 45 0.91 -7.18 13.86
N LEU B 46 0.63 -8.29 13.24
CA LEU B 46 0.63 -9.62 13.91
C LEU B 46 1.31 -10.66 13.05
N TYR B 47 2.39 -11.16 13.62
CA TYR B 47 3.22 -12.20 12.96
C TYR B 47 3.93 -12.99 14.07
N PRO B 48 3.15 -13.91 14.66
CA PRO B 48 3.65 -14.70 15.79
C PRO B 48 4.98 -15.40 15.67
N PRO B 49 5.28 -15.97 14.51
CA PRO B 49 6.53 -16.66 14.29
C PRO B 49 7.73 -15.77 14.60
N TRP B 50 7.62 -14.48 14.34
CA TRP B 50 8.72 -13.54 14.59
C TRP B 50 8.42 -12.84 15.90
N ASP B 51 7.46 -13.31 16.68
CA ASP B 51 7.15 -12.63 17.92
C ASP B 51 6.62 -11.20 17.77
N LYS B 52 5.93 -10.87 16.72
CA LYS B 52 5.26 -9.57 16.50
C LYS B 52 3.77 -9.62 16.81
N ASN B 53 3.37 -8.61 17.59
CA ASN B 53 1.96 -8.36 17.95
C ASN B 53 1.82 -6.90 18.41
N PHE B 54 1.68 -5.95 17.53
CA PHE B 54 1.50 -4.55 17.94
C PHE B 54 0.05 -4.28 18.31
N THR B 55 -0.09 -3.42 19.30
CA THR B 55 -1.33 -2.90 19.83
C THR B 55 -1.32 -1.39 19.52
N GLU B 56 -2.50 -0.88 19.67
CA GLU B 56 -2.89 0.51 19.45
C GLU B 56 -1.89 1.47 20.06
N ASN B 57 -1.47 1.20 21.27
CA ASN B 57 -0.56 2.06 22.05
C ASN B 57 0.86 2.05 21.50
N ASP B 58 1.16 1.06 20.68
CA ASP B 58 2.52 0.88 20.18
C ASP B 58 2.87 1.81 19.04
N LEU B 59 1.86 2.30 18.36
CA LEU B 59 2.09 2.98 17.09
C LEU B 59 1.47 4.38 16.95
N LEU B 60 1.97 4.95 15.87
CA LEU B 60 1.44 6.20 15.33
C LEU B 60 1.29 6.00 13.81
N VAL B 61 0.35 6.71 13.28
CA VAL B 61 0.06 6.88 11.87
C VAL B 61 0.58 8.30 11.50
N ARG B 62 1.43 8.41 10.53
CA ARG B 62 1.96 9.62 9.94
C ARG B 62 1.43 9.72 8.51
N ILE B 63 0.63 10.76 8.28
CA ILE B 63 -0.03 11.02 7.00
C ILE B 63 0.45 12.28 6.31
N GLY B 64 0.50 12.30 5.02
CA GLY B 64 0.89 13.47 4.25
C GLY B 64 2.40 13.59 4.08
N LYS B 65 3.14 12.52 4.39
CA LYS B 65 4.60 12.57 4.22
C LYS B 65 5.19 12.38 2.85
N HIS B 66 6.45 12.81 2.78
CA HIS B 66 7.24 12.71 1.53
C HIS B 66 8.59 12.17 1.88
N SER B 67 9.24 12.90 2.79
CA SER B 67 10.56 12.51 3.32
C SER B 67 10.31 11.30 4.25
N ARG B 68 11.20 10.32 4.17
CA ARG B 68 11.11 9.17 5.11
C ARG B 68 11.37 9.48 6.57
N THR B 69 12.39 10.33 6.80
CA THR B 69 12.87 10.53 8.21
C THR B 69 12.67 11.85 8.91
N ARG B 70 12.38 12.90 8.15
CA ARG B 70 12.14 14.26 8.68
C ARG B 70 10.74 14.40 9.25
N TYR B 71 10.62 15.19 10.29
CA TYR B 71 9.30 15.54 10.84
C TYR B 71 8.89 16.69 9.93
N GLU B 72 7.92 16.53 9.05
CA GLU B 72 7.53 17.50 8.03
C GLU B 72 6.49 18.46 8.57
N ARG B 73 7.02 19.41 9.38
CA ARG B 73 6.25 20.41 10.09
C ARG B 73 5.35 21.19 9.12
N ASN B 74 4.12 21.28 9.61
CA ASN B 74 3.05 21.95 8.87
C ASN B 74 2.57 21.11 7.66
N ILE B 75 3.13 19.96 7.39
CA ILE B 75 2.70 19.21 6.16
C ILE B 75 1.98 17.91 6.58
N GLU B 76 2.75 17.17 7.36
CA GLU B 76 2.29 15.87 7.86
C GLU B 76 1.44 16.03 9.08
N LYS B 77 0.57 15.06 9.27
CA LYS B 77 -0.30 15.01 10.47
C LYS B 77 -0.03 13.65 11.10
N ILE B 78 0.02 13.59 12.40
CA ILE B 78 0.33 12.36 13.14
C ILE B 78 -0.91 12.00 13.93
N SER B 79 -1.34 10.74 13.88
CA SER B 79 -2.54 10.36 14.63
C SER B 79 -2.21 9.07 15.43
N MET B 80 -3.03 8.97 16.42
CA MET B 80 -3.13 7.91 17.41
C MET B 80 -4.27 7.00 16.92
N LEU B 81 -4.11 5.74 17.26
CA LEU B 81 -5.11 4.71 16.89
C LEU B 81 -6.07 4.55 18.04
N GLU B 82 -7.30 4.37 17.63
CA GLU B 82 -8.37 4.09 18.59
C GLU B 82 -8.57 2.56 18.70
N LYS B 83 -8.45 1.92 17.52
CA LYS B 83 -8.74 0.47 17.46
C LYS B 83 -8.11 -0.13 16.22
N ILE B 84 -7.59 -1.32 16.36
CA ILE B 84 -7.09 -2.14 15.26
C ILE B 84 -8.00 -3.37 15.05
N TYR B 85 -8.31 -3.71 13.84
CA TYR B 85 -9.12 -4.90 13.52
C TYR B 85 -8.34 -5.69 12.48
N ILE B 86 -8.04 -6.91 12.81
CA ILE B 86 -7.39 -7.90 11.95
C ILE B 86 -8.45 -8.89 11.39
N HIS B 87 -8.25 -9.32 10.18
CA HIS B 87 -9.26 -10.29 9.63
C HIS B 87 -9.31 -11.50 10.55
N PRO B 88 -10.48 -11.93 11.06
CA PRO B 88 -10.63 -13.13 11.89
C PRO B 88 -10.02 -14.40 11.28
N ARG B 89 -9.96 -14.49 9.96
CA ARG B 89 -9.36 -15.63 9.27
C ARG B 89 -8.03 -15.39 8.60
N TYR B 90 -7.31 -14.32 9.00
CA TYR B 90 -5.92 -14.14 8.48
C TYR B 90 -5.07 -15.38 8.84
N ASN B 91 -4.42 -15.96 7.86
CA ASN B 91 -3.71 -17.24 8.03
C ASN B 91 -2.21 -17.00 8.10
N TRP B 92 -1.75 -16.68 9.30
CA TRP B 92 -0.33 -16.37 9.51
C TRP B 92 0.47 -17.69 9.66
N ARG B 93 -0.30 -18.75 9.95
CA ARG B 93 0.38 -20.04 10.13
C ARG B 93 0.88 -20.60 8.83
N GLU B 94 0.31 -20.25 7.69
CA GLU B 94 0.70 -20.90 6.45
C GLU B 94 1.03 -20.01 5.28
N ASN B 95 0.07 -19.23 4.75
CA ASN B 95 0.37 -18.48 3.54
C ASN B 95 -0.01 -17.00 3.59
N LEU B 96 -0.27 -16.40 4.70
CA LEU B 96 -0.75 -15.03 4.84
C LEU B 96 -2.03 -14.78 4.05
N ASP B 97 -2.88 -15.81 3.90
CA ASP B 97 -4.18 -15.61 3.22
C ASP B 97 -5.00 -14.60 4.07
N ARG B 98 -5.78 -13.76 3.40
CA ARG B 98 -6.50 -12.73 4.14
C ARG B 98 -5.58 -11.76 4.95
N ASP B 99 -4.52 -11.32 4.35
CA ASP B 99 -3.48 -10.44 5.02
C ASP B 99 -4.06 -9.00 5.00
N ILE B 100 -4.94 -8.68 5.87
CA ILE B 100 -5.57 -7.36 5.83
C ILE B 100 -5.93 -6.90 7.22
N ALA B 101 -5.80 -5.60 7.52
CA ALA B 101 -6.21 -5.07 8.83
C ALA B 101 -6.74 -3.65 8.67
N LEU B 102 -7.70 -3.25 9.48
CA LEU B 102 -8.24 -1.87 9.52
C LEU B 102 -7.82 -1.22 10.83
N MET B 103 -7.58 0.09 10.75
CA MET B 103 -7.15 0.90 11.90
C MET B 103 -8.03 2.17 11.85
N LYS B 104 -8.66 2.41 12.95
CA LYS B 104 -9.55 3.55 13.25
C LYS B 104 -8.72 4.63 13.99
N LEU B 105 -8.75 5.78 13.36
CA LEU B 105 -8.00 6.94 13.92
C LEU B 105 -8.73 7.48 15.15
N LYS B 106 -8.00 7.96 16.13
CA LYS B 106 -8.65 8.54 17.33
C LYS B 106 -9.49 9.75 16.97
N LYS B 107 -9.05 10.52 15.98
CA LYS B 107 -9.80 11.68 15.45
C LYS B 107 -9.61 11.70 13.93
N PRO B 108 -10.64 12.19 13.28
CA PRO B 108 -10.64 12.38 11.83
C PRO B 108 -9.50 13.32 11.45
N VAL B 109 -8.94 12.96 10.30
CA VAL B 109 -7.81 13.82 9.81
C VAL B 109 -8.51 14.74 8.80
N ALA B 110 -7.94 15.93 8.72
CA ALA B 110 -8.38 16.94 7.75
C ALA B 110 -7.56 16.72 6.48
N PHE B 111 -8.24 16.73 5.37
CA PHE B 111 -7.70 16.60 4.01
C PHE B 111 -7.02 17.92 3.63
N SER B 112 -6.09 17.82 2.70
CA SER B 112 -5.22 18.94 2.25
C SER B 112 -4.72 18.53 0.87
N ASP B 113 -3.81 19.30 0.35
CA ASP B 113 -3.24 18.99 -0.94
C ASP B 113 -2.38 17.73 -0.76
N TYR B 114 -1.96 17.42 0.43
CA TYR B 114 -1.06 16.28 0.59
C TYR B 114 -1.72 15.01 1.21
N ILE B 115 -2.93 15.20 1.66
CA ILE B 115 -3.73 14.22 2.43
C ILE B 115 -5.08 14.04 1.77
N HIS B 116 -5.35 12.90 1.12
CA HIS B 116 -6.62 12.68 0.41
C HIS B 116 -6.86 11.15 0.35
N PRO B 117 -8.09 10.63 0.52
CA PRO B 117 -8.36 9.19 0.55
C PRO B 117 -8.40 8.60 -0.87
N VAL B 118 -8.00 7.33 -0.99
CA VAL B 118 -8.05 6.60 -2.31
C VAL B 118 -9.45 5.93 -2.32
N CYS B 119 -9.97 5.53 -3.45
CA CYS B 119 -11.24 4.80 -3.48
C CYS B 119 -11.04 3.28 -3.29
N LEU B 120 -12.09 2.60 -2.83
CA LEU B 120 -12.10 1.09 -2.71
C LEU B 120 -12.85 0.61 -3.96
N PRO B 121 -12.33 -0.43 -4.63
CA PRO B 121 -12.95 -0.83 -5.89
C PRO B 121 -14.38 -1.40 -5.68
N ASP B 122 -15.18 -1.25 -6.70
CA ASP B 122 -16.50 -1.87 -6.88
C ASP B 122 -16.23 -3.16 -7.70
N ARG B 123 -17.24 -4.04 -7.65
CA ARG B 123 -17.14 -5.31 -8.40
C ARG B 123 -16.80 -5.06 -9.84
N GLU B 124 -17.36 -4.08 -10.49
CA GLU B 124 -17.12 -3.87 -11.94
C GLU B 124 -15.78 -3.20 -12.23
N THR B 125 -15.36 -2.43 -11.20
CA THR B 125 -14.02 -1.79 -11.35
C THR B 125 -12.96 -2.90 -11.30
N ALA B 126 -13.12 -3.78 -10.35
CA ALA B 126 -12.24 -4.93 -10.15
C ALA B 126 -12.24 -5.78 -11.41
N ALA B 127 -13.46 -6.06 -11.88
CA ALA B 127 -13.64 -6.92 -13.07
C ALA B 127 -12.82 -6.37 -14.22
N SER B 128 -13.09 -5.11 -14.47
CA SER B 128 -12.45 -4.36 -15.53
C SER B 128 -10.92 -4.18 -15.46
N LEU B 129 -10.39 -3.91 -14.27
CA LEU B 129 -8.96 -3.53 -14.21
C LEU B 129 -8.03 -4.64 -13.82
N LEU B 130 -8.51 -5.58 -13.03
CA LEU B 130 -7.67 -6.68 -12.54
C LEU B 130 -7.49 -7.80 -13.58
N GLN B 131 -6.68 -7.58 -14.57
CA GLN B 131 -6.35 -8.35 -15.75
C GLN B 131 -4.83 -8.38 -15.99
N ALA B 132 -4.33 -9.57 -16.36
CA ALA B 132 -2.92 -9.82 -16.60
C ALA B 132 -2.39 -8.81 -17.59
N GLY B 133 -1.23 -8.21 -17.35
CA GLY B 133 -0.64 -7.26 -18.29
C GLY B 133 -0.96 -5.81 -17.96
N TYR B 134 -2.10 -5.58 -17.33
CA TYR B 134 -2.46 -4.22 -16.91
C TYR B 134 -1.51 -3.84 -15.76
N LYS B 135 -1.20 -2.54 -15.76
CA LYS B 135 -0.24 -2.03 -14.74
C LYS B 135 -0.92 -1.25 -13.61
N GLY B 136 -0.37 -1.50 -12.42
CA GLY B 136 -0.75 -0.83 -11.18
C GLY B 136 0.53 -0.13 -10.62
N ARG B 137 0.35 0.50 -9.47
CA ARG B 137 1.51 1.28 -8.91
C ARG B 137 1.62 0.96 -7.45
N VAL B 138 2.87 0.86 -6.99
CA VAL B 138 3.16 0.59 -5.60
C VAL B 138 4.05 1.73 -5.08
N THR B 139 3.78 2.02 -3.85
CA THR B 139 4.54 3.12 -3.23
C THR B 139 5.06 2.73 -1.86
N GLY B 140 6.20 3.32 -1.46
CA GLY B 140 6.66 3.09 -0.10
C GLY B 140 8.09 3.58 0.17
N TRP B 141 8.40 3.61 1.45
CA TRP B 141 9.73 4.04 1.96
C TRP B 141 10.64 2.85 2.23
N GLY B 142 10.29 1.62 1.86
CA GLY B 142 11.03 0.41 2.13
C GLY B 142 12.39 0.34 1.43
N ASN B 143 13.11 -0.76 1.71
CA ASN B 143 14.43 -0.98 1.21
C ASN B 143 14.46 -0.88 -0.30
N LEU B 144 15.62 -0.33 -0.72
CA LEU B 144 15.86 -0.18 -2.15
C LEU B 144 16.42 -1.42 -2.81
N LYS B 145 16.83 -2.34 -2.00
CA LYS B 145 17.49 -3.57 -2.52
C LYS B 145 17.26 -4.62 -1.44
N GLU B 146 17.37 -5.87 -1.87
CA GLU B 146 17.11 -7.00 -0.97
C GLU B 146 18.23 -7.10 0.08
N GLY B 155 20.34 1.58 1.27
CA GLY B 155 19.17 1.10 0.54
C GLY B 155 17.96 1.44 1.42
N GLN B 156 17.91 2.69 1.78
CA GLN B 156 16.79 3.37 2.49
C GLN B 156 16.69 4.72 1.77
N PRO B 157 15.55 4.91 1.11
CA PRO B 157 15.38 6.10 0.26
C PRO B 157 15.28 7.32 1.16
N SER B 158 15.42 8.50 0.56
CA SER B 158 15.23 9.66 1.47
C SER B 158 13.80 10.16 1.35
N VAL B 159 13.24 9.85 0.18
CA VAL B 159 11.85 10.28 -0.11
C VAL B 159 11.01 9.07 -0.60
N LEU B 160 9.69 9.27 -0.55
CA LEU B 160 8.78 8.22 -1.07
C LEU B 160 9.19 7.77 -2.45
N GLN B 161 9.19 6.42 -2.66
CA GLN B 161 9.49 5.75 -3.92
C GLN B 161 8.18 5.22 -4.63
N VAL B 162 8.31 5.16 -5.91
CA VAL B 162 7.17 4.64 -6.72
C VAL B 162 7.73 3.71 -7.78
N VAL B 163 6.97 2.70 -8.16
CA VAL B 163 7.23 1.83 -9.34
C VAL B 163 5.84 1.35 -9.87
N ASN B 164 5.75 1.12 -11.13
CA ASN B 164 4.55 0.64 -11.84
C ASN B 164 4.82 -0.83 -12.26
N LEU B 165 3.93 -1.75 -11.97
CA LEU B 165 4.18 -3.17 -12.31
C LEU B 165 2.91 -3.71 -12.98
N PRO B 166 3.11 -4.67 -13.86
CA PRO B 166 2.01 -5.35 -14.52
C PRO B 166 1.51 -6.52 -13.68
N ILE B 167 0.22 -6.71 -13.67
CA ILE B 167 -0.37 -7.89 -13.00
C ILE B 167 0.04 -9.11 -13.90
N VAL B 168 0.27 -10.20 -13.22
CA VAL B 168 0.74 -11.47 -13.76
C VAL B 168 -0.39 -12.53 -13.68
N GLU B 169 -0.41 -13.34 -14.74
CA GLU B 169 -1.36 -14.47 -14.86
C GLU B 169 -1.33 -15.40 -13.65
N ARG B 170 -2.46 -15.86 -13.15
CA ARG B 170 -2.50 -16.72 -11.98
C ARG B 170 -1.53 -17.92 -12.08
N PRO B 171 -1.58 -18.66 -13.18
CA PRO B 171 -0.73 -19.85 -13.38
C PRO B 171 0.74 -19.47 -13.25
N VAL B 172 1.18 -18.34 -13.80
CA VAL B 172 2.56 -17.90 -13.67
C VAL B 172 2.86 -17.59 -12.22
N CYS B 173 1.86 -16.98 -11.53
CA CYS B 173 2.06 -16.76 -10.10
C CYS B 173 2.29 -18.10 -9.39
N LYS B 174 1.32 -19.00 -9.62
CA LYS B 174 1.39 -20.30 -8.92
C LYS B 174 2.67 -21.09 -9.18
N ASP B 175 3.13 -21.06 -10.42
CA ASP B 175 4.34 -21.80 -10.78
C ASP B 175 5.67 -21.16 -10.42
N SER B 176 5.63 -20.01 -9.73
CA SER B 176 6.88 -19.35 -9.33
C SER B 176 7.19 -19.76 -7.88
N THR B 177 6.32 -20.45 -7.18
CA THR B 177 6.62 -20.64 -5.75
C THR B 177 6.11 -22.01 -5.29
N ARG B 178 6.46 -22.35 -4.07
CA ARG B 178 5.95 -23.57 -3.47
C ARG B 178 4.82 -23.16 -2.55
N ILE B 179 4.60 -21.87 -2.25
CA ILE B 179 3.54 -21.46 -1.31
C ILE B 179 2.17 -21.67 -2.01
N ARG B 180 1.25 -22.11 -1.16
CA ARG B 180 -0.10 -22.35 -1.68
C ARG B 180 -0.74 -20.97 -1.91
N ILE B 181 -1.01 -20.60 -3.15
CA ILE B 181 -1.71 -19.33 -3.38
C ILE B 181 -3.24 -19.48 -3.44
N THR B 182 -3.95 -18.51 -2.86
CA THR B 182 -5.40 -18.45 -2.77
C THR B 182 -6.03 -17.36 -3.66
N ASP B 183 -7.36 -17.41 -3.70
CA ASP B 183 -8.10 -16.44 -4.51
C ASP B 183 -8.03 -15.02 -3.84
N ASN B 184 -7.64 -14.98 -2.58
CA ASN B 184 -7.48 -13.66 -1.92
C ASN B 184 -6.10 -13.03 -2.19
N MET B 185 -5.35 -13.41 -3.15
CA MET B 185 -4.02 -12.97 -3.50
C MET B 185 -3.92 -12.76 -4.99
N PHE B 186 -3.04 -11.92 -5.49
CA PHE B 186 -2.72 -11.74 -6.88
C PHE B 186 -1.18 -11.43 -6.90
N CYS B 187 -0.49 -11.72 -7.98
CA CYS B 187 0.97 -11.38 -8.00
C CYS B 187 1.17 -10.35 -9.08
N ALA B 188 2.28 -9.65 -9.03
CA ALA B 188 2.60 -8.54 -9.98
C ALA B 188 4.13 -8.41 -10.09
N GLY B 189 4.58 -8.12 -11.28
CA GLY B 189 6.04 -7.95 -11.48
C GLY B 189 6.35 -8.33 -12.91
N TYR B 190 7.49 -7.88 -13.40
CA TYR B 190 7.88 -8.28 -14.77
C TYR B 190 8.49 -9.71 -14.68
N LYS B 191 8.53 -10.31 -15.84
CA LYS B 191 9.10 -11.62 -16.13
C LYS B 191 10.58 -11.47 -16.45
N PRO B 192 11.34 -12.57 -16.33
CA PRO B 192 12.78 -12.48 -16.54
C PRO B 192 13.12 -12.06 -17.96
N ASP B 193 12.25 -12.38 -18.88
CA ASP B 193 12.43 -12.14 -20.32
C ASP B 193 12.16 -10.68 -20.73
N GLU B 194 11.38 -10.06 -19.86
CA GLU B 194 10.81 -8.75 -19.95
C GLU B 194 11.69 -7.55 -20.00
N GLY B 195 12.89 -7.51 -19.46
CA GLY B 195 13.64 -6.26 -19.66
C GLY B 195 13.03 -5.12 -18.88
N LYS B 196 12.82 -5.36 -17.61
CA LYS B 196 12.30 -4.33 -16.68
C LYS B 196 12.21 -5.06 -15.34
N ARG B 197 12.51 -4.39 -14.27
CA ARG B 197 12.53 -4.88 -12.90
C ARG B 197 11.65 -4.01 -12.00
N GLY B 198 11.69 -4.28 -10.73
CA GLY B 198 10.93 -3.55 -9.73
C GLY B 198 10.18 -4.53 -8.84
N ASP B 199 10.03 -4.08 -7.61
CA ASP B 199 9.30 -4.88 -6.60
C ASP B 199 9.17 -4.02 -5.34
N ALA B 200 8.27 -4.44 -4.48
CA ALA B 200 8.16 -3.95 -3.12
C ALA B 200 9.34 -4.65 -2.38
N CYS B 201 9.64 -4.17 -1.19
CA CYS B 201 10.72 -4.78 -0.38
C CYS B 201 10.35 -4.57 1.06
N GLU B 202 11.25 -4.99 1.97
CA GLU B 202 10.91 -4.81 3.38
C GLU B 202 10.65 -3.32 3.69
N GLY B 203 9.70 -3.01 4.53
CA GLY B 203 9.41 -1.60 4.90
C GLY B 203 8.27 -1.19 3.96
N ASP B 204 8.06 -1.84 2.85
CA ASP B 204 6.91 -1.56 1.96
C ASP B 204 5.60 -2.30 2.36
N SER B 205 5.69 -3.35 3.16
CA SER B 205 4.51 -4.11 3.64
C SER B 205 3.37 -3.20 4.02
N GLY B 206 2.14 -3.63 3.66
CA GLY B 206 0.95 -2.84 4.03
C GLY B 206 0.66 -1.65 3.13
N GLY B 207 1.52 -1.25 2.20
CA GLY B 207 1.22 -0.13 1.32
C GLY B 207 0.18 -0.54 0.28
N PRO B 208 -0.23 0.48 -0.48
CA PRO B 208 -1.25 0.31 -1.52
C PRO B 208 -0.73 -0.06 -2.85
N PHE B 209 -1.46 -0.95 -3.54
CA PHE B 209 -1.23 -1.25 -4.97
C PHE B 209 -2.43 -0.54 -5.66
N VAL B 210 -2.17 0.52 -6.43
CA VAL B 210 -3.29 1.32 -7.03
C VAL B 210 -3.27 1.24 -8.52
N MET B 211 -4.46 1.57 -9.06
CA MET B 211 -4.74 1.66 -10.47
C MET B 211 -5.61 2.89 -10.75
N LYS B 212 -5.48 3.48 -11.91
CA LYS B 212 -6.28 4.66 -12.27
C LYS B 212 -7.34 4.26 -13.31
N SER B 213 -8.59 4.45 -12.95
CA SER B 213 -9.71 4.10 -13.84
C SER B 213 -9.72 4.99 -15.07
N PRO B 214 -9.71 4.34 -16.23
CA PRO B 214 -9.77 5.03 -17.53
C PRO B 214 -11.21 5.56 -17.79
N PHE B 215 -12.18 5.16 -17.01
CA PHE B 215 -13.59 5.51 -17.11
C PHE B 215 -13.99 6.76 -16.33
N ASN B 216 -13.42 6.86 -15.12
CA ASN B 216 -13.79 7.99 -14.26
C ASN B 216 -12.58 8.77 -13.73
N ASN B 217 -11.40 8.41 -14.18
CA ASN B 217 -10.13 9.06 -13.82
C ASN B 217 -9.84 9.10 -12.34
N ARG B 218 -10.40 8.18 -11.59
CA ARG B 218 -10.21 8.00 -10.18
C ARG B 218 -9.17 6.92 -9.85
N TRP B 219 -8.47 7.10 -8.73
CA TRP B 219 -7.49 6.08 -8.28
C TRP B 219 -8.18 5.09 -7.35
N TYR B 220 -7.99 3.80 -7.63
CA TYR B 220 -8.57 2.74 -6.75
C TYR B 220 -7.50 1.87 -6.11
N GLN B 221 -7.67 1.45 -4.88
CA GLN B 221 -6.68 0.58 -4.24
C GLN B 221 -7.08 -0.89 -4.57
N MET B 222 -6.38 -1.54 -5.50
CA MET B 222 -6.73 -2.92 -5.85
C MET B 222 -6.07 -3.93 -4.91
N GLY B 223 -4.88 -3.54 -4.42
CA GLY B 223 -4.03 -4.50 -3.59
C GLY B 223 -3.38 -3.89 -2.43
N ILE B 224 -2.87 -4.72 -1.53
CA ILE B 224 -2.10 -4.38 -0.33
C ILE B 224 -0.77 -5.16 -0.45
N VAL B 225 0.37 -4.47 -0.37
CA VAL B 225 1.67 -5.14 -0.38
C VAL B 225 1.67 -6.25 0.67
N SER B 226 1.79 -7.49 0.22
CA SER B 226 1.69 -8.63 1.15
C SER B 226 3.03 -9.34 1.26
N TRP B 227 3.35 -10.42 0.60
CA TRP B 227 4.58 -11.20 0.82
C TRP B 227 5.29 -11.38 -0.48
N GLY B 228 6.56 -11.74 -0.39
CA GLY B 228 7.32 -12.05 -1.64
C GLY B 228 8.56 -12.79 -1.09
N GLU B 229 9.15 -13.50 -2.02
CA GLU B 229 10.37 -14.29 -1.68
C GLU B 229 11.54 -13.39 -2.10
N GLY B 230 11.97 -12.67 -1.10
CA GLY B 230 13.04 -11.67 -1.28
C GLY B 230 12.41 -10.43 -1.94
N CYS B 231 13.26 -9.76 -2.72
CA CYS B 231 12.84 -8.54 -3.39
C CYS B 231 13.43 -8.49 -4.77
N ASP B 232 12.70 -8.35 -5.84
CA ASP B 232 13.18 -8.22 -7.17
C ASP B 232 14.00 -9.40 -7.71
N ARG B 233 13.67 -10.59 -7.29
CA ARG B 233 14.41 -11.80 -7.75
C ARG B 233 13.96 -12.20 -9.13
N ASP B 234 14.77 -12.64 -10.10
CA ASP B 234 14.24 -13.12 -11.40
C ASP B 234 13.34 -14.34 -11.18
N GLY B 235 12.29 -14.41 -11.98
CA GLY B 235 11.32 -15.48 -11.82
C GLY B 235 10.49 -15.52 -10.56
N LYS B 236 10.60 -14.54 -9.65
CA LYS B 236 9.74 -14.50 -8.48
C LYS B 236 8.83 -13.27 -8.66
N TYR B 237 7.74 -13.16 -7.93
CA TYR B 237 6.77 -12.07 -8.04
C TYR B 237 6.28 -11.61 -6.68
N GLY B 238 5.94 -10.30 -6.64
CA GLY B 238 5.39 -9.76 -5.36
C GLY B 238 3.90 -10.21 -5.26
N PHE B 239 3.55 -10.55 -4.04
CA PHE B 239 2.16 -10.95 -3.74
C PHE B 239 1.45 -9.80 -3.00
N TYR B 240 0.16 -9.67 -3.31
CA TYR B 240 -0.72 -8.60 -2.82
C TYR B 240 -2.06 -9.15 -2.37
N THR B 241 -2.55 -8.58 -1.31
CA THR B 241 -3.91 -8.86 -0.83
C THR B 241 -4.90 -8.37 -1.90
N HIS B 242 -5.93 -9.20 -2.11
CA HIS B 242 -6.95 -8.81 -3.16
C HIS B 242 -8.06 -8.07 -2.43
N VAL B 243 -8.02 -6.75 -2.60
CA VAL B 243 -8.89 -5.91 -1.74
C VAL B 243 -10.36 -6.19 -2.05
N PHE B 244 -10.69 -6.22 -3.33
CA PHE B 244 -12.10 -6.39 -3.71
C PHE B 244 -12.67 -7.65 -3.06
N ARG B 245 -11.99 -8.77 -3.10
CA ARG B 245 -12.52 -10.00 -2.47
C ARG B 245 -12.79 -9.83 -0.99
N LEU B 246 -12.09 -8.97 -0.28
CA LEU B 246 -12.32 -8.82 1.18
C LEU B 246 -13.15 -7.60 1.50
N LYS B 247 -13.68 -6.96 0.50
CA LYS B 247 -14.46 -5.72 0.54
C LYS B 247 -15.67 -5.86 1.46
N LYS B 248 -16.25 -7.06 1.50
CA LYS B 248 -17.40 -7.23 2.38
C LYS B 248 -16.97 -7.18 3.82
N TRP B 249 -15.85 -7.79 4.19
CA TRP B 249 -15.33 -7.69 5.57
C TRP B 249 -15.08 -6.22 5.97
N ILE B 250 -14.43 -5.48 5.08
CA ILE B 250 -14.14 -4.03 5.29
C ILE B 250 -15.40 -3.28 5.69
N GLN B 251 -16.36 -3.29 4.79
CA GLN B 251 -17.69 -2.69 4.96
C GLN B 251 -18.33 -3.01 6.30
N LYS B 252 -18.41 -4.31 6.50
CA LYS B 252 -18.92 -4.92 7.74
C LYS B 252 -18.30 -4.29 8.98
N VAL B 253 -16.97 -4.11 8.97
CA VAL B 253 -16.27 -3.56 10.11
C VAL B 253 -16.51 -2.06 10.21
N ILE B 254 -16.61 -1.33 9.14
CA ILE B 254 -16.90 0.14 9.18
C ILE B 254 -18.38 0.36 9.52
N ASP B 255 -19.31 -0.45 8.99
CA ASP B 255 -20.71 -0.36 9.39
C ASP B 255 -20.83 -0.68 10.90
N GLN B 256 -20.24 -1.78 11.30
CA GLN B 256 -20.35 -2.28 12.68
C GLN B 256 -19.17 -2.00 13.57
N ASP C 3 17.62 6.96 10.85
CA ASP C 3 17.85 8.23 11.58
C ASP C 3 16.65 9.16 11.43
N PHE C 4 15.64 8.84 12.18
CA PHE C 4 14.40 9.59 12.26
C PHE C 4 14.59 10.89 13.05
N GLU C 5 14.06 11.94 12.47
CA GLU C 5 13.99 13.27 13.12
C GLU C 5 12.90 13.14 14.18
N GLU C 6 13.24 13.65 15.34
CA GLU C 6 12.41 13.69 16.54
C GLU C 6 11.06 14.37 16.21
N ILE C 7 10.04 13.66 16.70
CA ILE C 7 8.66 14.11 16.54
C ILE C 7 8.21 14.76 17.83
N PRO C 8 7.26 15.68 17.73
CA PRO C 8 6.69 16.35 18.89
C PRO C 8 6.12 15.41 19.94
N GLU C 9 6.49 15.81 21.17
CA GLU C 9 6.12 15.11 22.40
C GLU C 9 4.60 15.04 22.48
N GLU C 10 3.99 16.11 22.01
CA GLU C 10 2.53 16.27 21.93
C GLU C 10 1.97 14.95 21.40
N TYS C 11 2.79 14.32 20.55
CA TYS C 11 2.39 13.02 20.00
CB TYS C 11 2.77 12.82 18.52
CG TYS C 11 2.18 13.95 17.71
CD1 TYS C 11 0.82 14.23 17.74
CD2 TYS C 11 3.09 14.81 17.07
CE1 TYS C 11 0.33 15.33 17.03
CE2 TYS C 11 2.60 15.94 16.40
CZ TYS C 11 1.23 16.18 16.39
OH TYS C 11 0.84 17.27 15.64
S TYS C 11 0.77 17.12 13.98
O1 TYS C 11 2.04 16.57 13.58
O2 TYS C 11 -0.47 16.41 13.86
O3 TYS C 11 0.57 18.50 13.49
C TYS C 11 3.01 11.91 20.88
O TYS C 11 2.42 10.82 20.71
NA NA D . 10.81 -10.74 -9.91
NA NA E . 3.79 -23.78 -7.31
C1 QWE F . 9.38 -14.36 4.19
C2 QWE F . 9.44 -14.22 5.60
C3 QWE F . 8.47 -14.85 6.35
C4 QWE F . 7.45 -15.58 5.71
C4A QWE F . 7.37 -15.69 4.33
C5 QWE F . 6.32 -16.31 3.69
C6 QWE F . 6.27 -16.35 2.32
C7 QWE F . 7.32 -15.78 1.56
C8 QWE F . 8.37 -15.13 2.16
C8A QWE F . 8.39 -15.05 3.53
N QWE F . 5.23 -16.77 4.42
CM1 QWE F . 4.36 -15.90 5.26
CM2 QWE F . 5.19 -18.24 5.07
S QWE F . 10.71 -13.47 3.21
O1S QWE F . 11.43 -12.93 4.38
O2S QWE F . 11.39 -13.91 1.98
N1 QWE F . 9.94 -12.01 2.27
CA QWE F . 9.44 -10.97 3.22
C QWE F . 7.97 -11.31 3.47
O QWE F . 7.37 -11.72 2.48
CB QWE F . 9.61 -9.59 2.61
CG QWE F . 9.11 -9.51 1.17
CD QWE F . 9.50 -8.16 0.57
NE QWE F . 9.11 -8.22 -0.83
CZ QWE F . 7.90 -8.13 -1.36
NH1 QWE F . 6.85 -7.86 -0.58
NH2 QWE F . 7.80 -8.25 -2.68
N11 QWE F . 7.35 -11.02 4.71
C21 QWE F . 8.19 -10.19 5.73
C31 QWE F . 7.98 -10.90 7.07
C41 QWE F . 6.40 -11.18 7.41
C51 QWE F . 5.62 -11.97 6.23
C61 QWE F . 5.84 -11.31 4.90
C1' QWE F . 7.84 -8.89 5.87
C2' QWE F . 8.92 -7.95 6.53
S1 QWE F . 10.98 -7.10 8.68
O2 QWE F . 7.17 -7.40 7.98
C52 QWE F . 11.14 -7.64 10.32
C22 QWE F . 9.27 -7.08 8.97
C2'1 QWE F . 8.35 -7.50 7.82
C42 QWE F . 9.91 -7.71 10.94
N3 QWE F . 8.82 -7.36 10.21
#